data_6JT6
#
_entry.id   6JT6
#
_cell.length_a   39.138
_cell.length_b   59.741
_cell.length_c   40.858
_cell.angle_alpha   90.000
_cell.angle_beta   90.680
_cell.angle_gamma   90.000
#
_symmetry.space_group_name_H-M   'P 1 21 1'
#
loop_
_entity.id
_entity.type
_entity.pdbx_description
1 polymer 'Extracellular PQQ-dependent sugar dehydrogenase'
2 non-polymer 2-acetamido-2-deoxy-beta-D-glucopyranose
3 non-polymer 'PROTOPORPHYRIN IX CONTAINING FE'
4 non-polymer (4S)-2-METHYL-2,4-PENTANEDIOL
5 non-polymer 'ACETATE ION'
6 water water
#
_entity_poly.entity_id   1
_entity_poly.type   'polypeptide(L)'
_entity_poly.pdbx_seq_one_letter_code
;QGSPTQWYDSITGVTFSRFYQQDTDASWGYIFPSASGGQAPDEFIGLFQGPASAGWIGNSLGGSMRNNPLLVGWVDGSTP
RISARWATDYAPPSIYSGPRLTILGSSGTNGNIQRIVYRCQNCTRWTGGAGGIPTTGSAVFGWAFHSTTKPLTPSDPSSG
LYRHSHAAQYGFDIGNARTTLYDYYLQQLTNAPPLSG
;
_entity_poly.pdbx_strand_id   A
#
loop_
_chem_comp.id
_chem_comp.type
_chem_comp.name
_chem_comp.formula
ACT non-polymer 'ACETATE ION' 'C2 H3 O2 -1'
HEM non-polymer 'PROTOPORPHYRIN IX CONTAINING FE' 'C34 H32 Fe N4 O4'
MPD non-polymer (4S)-2-METHYL-2,4-PENTANEDIOL 'C6 H14 O2'
NAG D-saccharide, beta linking 2-acetamido-2-deoxy-beta-D-glucopyranose 'C8 H15 N O6'
#
# COMPACT_ATOMS: atom_id res chain seq x y z
N SER A 3 -14.59 7.85 1.35
CA SER A 3 -14.42 7.07 0.08
C SER A 3 -13.19 7.53 -0.72
N PRO A 4 -12.54 6.59 -1.43
CA PRO A 4 -11.47 6.92 -2.39
C PRO A 4 -12.02 7.41 -3.72
N THR A 5 -11.25 8.23 -4.42
CA THR A 5 -11.60 8.63 -5.77
C THR A 5 -10.47 8.33 -6.76
N GLN A 6 -10.83 8.21 -8.03
CA GLN A 6 -9.85 8.13 -9.12
C GLN A 6 -8.99 9.38 -9.13
N TRP A 7 -7.68 9.19 -9.17
CA TRP A 7 -6.75 10.28 -8.94
C TRP A 7 -5.58 10.15 -9.89
N TYR A 8 -5.32 11.23 -10.62
CA TYR A 8 -4.20 11.26 -11.54
C TYR A 8 -2.92 11.47 -10.75
N ASP A 9 -2.00 10.52 -10.86
CA ASP A 9 -0.69 10.67 -10.25
C ASP A 9 0.19 11.46 -11.22
N SER A 10 0.32 12.74 -10.94
CA SER A 10 1.11 13.64 -11.76
C SER A 10 2.59 13.20 -11.86
N ILE A 11 3.11 12.49 -10.85
CA ILE A 11 4.52 12.05 -10.92
C ILE A 11 4.79 11.02 -12.04
N THR A 12 3.83 10.14 -12.29
CA THR A 12 4.06 9.00 -13.19
C THR A 12 3.13 8.95 -14.40
N GLY A 13 2.06 9.76 -14.39
CA GLY A 13 1.04 9.69 -15.44
C GLY A 13 0.05 8.54 -15.31
N VAL A 14 0.15 7.76 -14.21
CA VAL A 14 -0.83 6.69 -14.03
C VAL A 14 -1.99 7.19 -13.15
N THR A 15 -3.12 6.47 -13.14
CA THR A 15 -4.23 6.85 -12.32
C THR A 15 -4.43 5.77 -11.26
N PHE A 16 -4.69 6.20 -10.02
CA PHE A 16 -4.96 5.26 -8.91
C PHE A 16 -6.40 5.51 -8.41
N SER A 17 -6.97 4.49 -7.78
CA SER A 17 -8.04 4.73 -6.82
C SER A 17 -7.37 5.15 -5.50
N ARG A 18 -7.54 6.43 -5.14
CA ARG A 18 -6.79 7.02 -4.02
C ARG A 18 -7.68 7.50 -2.88
N PHE A 19 -7.25 7.17 -1.65
CA PHE A 19 -7.85 7.60 -0.41
C PHE A 19 -6.85 8.58 0.17
N TYR A 20 -7.31 9.81 0.34
CA TYR A 20 -6.49 10.87 0.92
C TYR A 20 -7.01 11.09 2.36
N GLN A 21 -6.09 11.09 3.32
CA GLN A 21 -6.49 11.24 4.72
C GLN A 21 -6.01 12.62 5.19
N GLN A 22 -6.97 13.50 5.48
CA GLN A 22 -6.74 14.94 5.81
C GLN A 22 -5.87 15.22 7.06
N ASP A 23 -6.02 14.43 8.13
CA ASP A 23 -5.27 14.63 9.39
C ASP A 23 -3.79 14.29 9.22
N THR A 24 -3.51 13.20 8.50
CA THR A 24 -2.15 12.71 8.29
C THR A 24 -1.45 13.35 7.09
N ASP A 25 -2.27 13.90 6.17
CA ASP A 25 -1.82 14.32 4.83
C ASP A 25 -1.12 13.19 4.03
N ALA A 26 -1.58 11.97 4.26
CA ALA A 26 -1.06 10.83 3.55
C ALA A 26 -2.12 10.31 2.60
N SER A 27 -1.66 9.56 1.59
CA SER A 27 -2.54 8.94 0.59
C SER A 27 -2.29 7.45 0.44
N TRP A 28 -3.36 6.71 0.17
CA TRP A 28 -3.27 5.26 -0.10
C TRP A 28 -3.88 5.04 -1.46
N GLY A 29 -3.08 4.62 -2.45
CA GLY A 29 -3.56 4.41 -3.82
C GLY A 29 -3.49 2.94 -4.19
N TYR A 30 -4.43 2.48 -5.03
CA TYR A 30 -4.44 1.11 -5.51
C TYR A 30 -4.85 1.05 -6.96
N ILE A 31 -4.24 0.11 -7.67
CA ILE A 31 -4.63 -0.25 -9.03
C ILE A 31 -4.78 -1.77 -9.04
N PHE A 32 -5.91 -2.26 -9.52
CA PHE A 32 -6.16 -3.71 -9.58
C PHE A 32 -6.29 -4.11 -11.04
N PRO A 33 -5.96 -5.37 -11.37
CA PRO A 33 -6.14 -5.84 -12.75
C PRO A 33 -7.60 -6.15 -13.05
N SER A 34 -7.94 -6.08 -14.31
CA SER A 34 -9.29 -6.27 -14.82
C SER A 34 -9.71 -7.74 -14.91
N ALA A 35 -10.59 -8.02 -15.88
CA ALA A 35 -11.10 -9.37 -16.23
C ALA A 35 -11.25 -9.48 -17.75
N SER A 36 -11.38 -8.34 -18.42
CA SER A 36 -11.40 -8.19 -19.88
C SER A 36 -10.01 -8.46 -20.48
N GLY A 37 -8.99 -7.88 -19.84
CA GLY A 37 -7.60 -8.06 -20.23
C GLY A 37 -6.77 -8.30 -18.99
N GLY A 38 -5.72 -9.12 -19.11
CA GLY A 38 -4.91 -9.55 -17.97
C GLY A 38 -5.78 -10.30 -16.98
N GLN A 39 -6.07 -11.56 -17.31
CA GLN A 39 -7.10 -12.36 -16.61
C GLN A 39 -6.82 -12.69 -15.14
N ALA A 40 -5.66 -13.30 -14.85
CA ALA A 40 -5.27 -13.72 -13.48
C ALA A 40 -5.12 -12.51 -12.52
N PRO A 41 -6.07 -12.35 -11.58
CA PRO A 41 -6.02 -11.15 -10.80
C PRO A 41 -5.58 -11.44 -9.36
N ASP A 42 -4.46 -12.14 -9.18
CA ASP A 42 -3.96 -12.42 -7.82
C ASP A 42 -2.87 -11.42 -7.42
N GLU A 43 -3.11 -10.15 -7.75
CA GLU A 43 -2.14 -9.09 -7.51
C GLU A 43 -2.79 -7.71 -7.61
N PHE A 44 -2.07 -6.69 -7.12
CA PHE A 44 -2.47 -5.30 -7.34
C PHE A 44 -1.22 -4.44 -7.19
N ILE A 45 -1.35 -3.18 -7.59
CA ILE A 45 -0.31 -2.18 -7.37
C ILE A 45 -0.80 -1.28 -6.25
N GLY A 46 0.10 -0.99 -5.30
CA GLY A 46 -0.23 -0.04 -4.22
C GLY A 46 0.67 1.19 -4.22
N LEU A 47 0.19 2.25 -3.57
CA LEU A 47 0.96 3.45 -3.34
C LEU A 47 0.73 3.91 -1.92
N PHE A 48 1.82 4.13 -1.19
CA PHE A 48 1.80 4.81 0.10
C PHE A 48 2.52 6.12 -0.16
N GLN A 49 1.88 7.24 0.20
CA GLN A 49 2.50 8.54 0.02
C GLN A 49 2.21 9.37 1.24
N GLY A 50 3.20 10.10 1.73
CA GLY A 50 2.93 11.01 2.80
C GLY A 50 4.05 12.00 2.97
N PRO A 51 3.93 12.86 4.00
CA PRO A 51 4.98 13.82 4.39
C PRO A 51 6.30 13.08 4.53
N ALA A 52 7.40 13.68 4.06
CA ALA A 52 8.71 13.03 4.14
C ALA A 52 9.17 12.77 5.58
N SER A 53 8.61 13.49 6.53
CA SER A 53 8.99 13.34 7.91
C SER A 53 8.24 12.21 8.64
N ALA A 54 7.22 11.63 7.98
CA ALA A 54 6.42 10.55 8.58
C ALA A 54 7.28 9.35 8.89
N GLY A 55 6.89 8.55 9.87
CA GLY A 55 7.69 7.37 10.24
C GLY A 55 7.44 6.16 9.36
N TRP A 56 6.18 5.77 9.23
CA TRP A 56 5.79 4.70 8.31
C TRP A 56 4.31 4.84 7.91
N ILE A 57 3.95 4.14 6.84
CA ILE A 57 2.62 4.21 6.26
C ILE A 57 2.24 2.77 5.89
N GLY A 58 1.03 2.37 6.27
CA GLY A 58 0.59 1.00 6.10
C GLY A 58 -0.89 0.80 5.87
N ASN A 59 -1.27 -0.43 5.56
CA ASN A 59 -2.68 -0.74 5.33
C ASN A 59 -3.06 -2.04 5.99
N SER A 60 -4.35 -2.35 5.91
CA SER A 60 -4.85 -3.69 6.13
C SER A 60 -5.69 -4.00 4.89
N LEU A 61 -5.44 -5.16 4.29
CA LEU A 61 -6.15 -5.56 3.07
C LEU A 61 -7.59 -6.04 3.30
N GLY A 62 -7.99 -6.19 4.56
CA GLY A 62 -9.35 -6.62 4.90
C GLY A 62 -10.05 -5.68 5.85
N GLY A 63 -9.44 -4.51 6.14
CA GLY A 63 -10.04 -3.50 7.00
C GLY A 63 -9.52 -3.56 8.43
N SER A 64 -9.99 -4.57 9.17
CA SER A 64 -9.55 -4.79 10.52
C SER A 64 -8.05 -5.04 10.55
N MET A 65 -7.39 -4.51 11.58
CA MET A 65 -5.99 -4.83 11.84
C MET A 65 -5.80 -6.33 12.11
N ARG A 66 -6.87 -6.98 12.60
CA ARG A 66 -6.78 -8.38 12.99
C ARG A 66 -7.07 -9.35 11.84
N ASN A 67 -6.09 -10.23 11.60
CA ASN A 67 -6.25 -11.37 10.71
C ASN A 67 -6.45 -11.02 9.21
N ASN A 68 -5.69 -10.04 8.77
CA ASN A 68 -5.67 -9.67 7.35
C ASN A 68 -4.23 -9.25 7.04
N PRO A 69 -3.74 -9.44 5.81
CA PRO A 69 -2.42 -8.91 5.46
C PRO A 69 -2.32 -7.43 5.78
N LEU A 70 -1.22 -7.11 6.44
CA LEU A 70 -0.87 -5.73 6.76
C LEU A 70 0.39 -5.41 5.96
N LEU A 71 0.32 -4.39 5.11
CA LEU A 71 1.54 -3.98 4.40
C LEU A 71 2.02 -2.69 4.98
N VAL A 72 3.32 -2.60 5.20
CA VAL A 72 3.90 -1.44 5.82
C VAL A 72 5.12 -0.98 5.02
N GLY A 73 5.10 0.31 4.67
CA GLY A 73 6.19 0.91 3.93
C GLY A 73 6.79 2.09 4.66
N TRP A 74 8.06 2.36 4.34
CA TRP A 74 8.76 3.52 4.85
C TRP A 74 9.97 3.84 3.97
N VAL A 75 10.62 4.97 4.25
CA VAL A 75 11.86 5.32 3.55
C VAL A 75 12.99 5.44 4.59
N ASP A 76 14.02 4.62 4.41
CA ASP A 76 15.20 4.61 5.25
C ASP A 76 16.25 5.51 4.57
N GLY A 77 16.27 6.80 4.92
CA GLY A 77 17.17 7.76 4.30
C GLY A 77 16.61 8.15 2.94
N SER A 78 17.16 7.57 1.88
CA SER A 78 16.51 7.65 0.57
C SER A 78 15.94 6.32 0.04
N THR A 79 16.04 5.25 0.82
CA THR A 79 15.77 3.87 0.32
C THR A 79 14.37 3.39 0.80
N PRO A 80 13.41 3.21 -0.14
CA PRO A 80 12.09 2.68 0.23
C PRO A 80 12.17 1.22 0.71
N ARG A 81 11.28 0.86 1.63
CA ARG A 81 11.19 -0.49 2.14
C ARG A 81 9.73 -0.83 2.23
N ILE A 82 9.42 -2.12 2.19
CA ILE A 82 8.06 -2.59 2.35
C ILE A 82 8.07 -3.98 2.98
N SER A 83 7.04 -4.24 3.79
CA SER A 83 6.96 -5.49 4.52
C SER A 83 5.49 -5.94 4.58
N ALA A 84 5.26 -7.26 4.56
CA ALA A 84 3.94 -7.82 4.81
C ALA A 84 3.92 -8.35 6.23
N ARG A 85 2.84 -8.06 6.95
CA ARG A 85 2.69 -8.50 8.35
C ARG A 85 1.30 -9.02 8.69
N TRP A 86 1.18 -9.58 9.89
CA TRP A 86 -0.01 -10.27 10.34
C TRP A 86 -0.11 -10.18 11.86
N ALA A 87 -1.27 -9.72 12.36
CA ALA A 87 -1.57 -9.61 13.79
C ALA A 87 -2.84 -10.41 14.10
N THR A 88 -2.82 -11.22 15.16
CA THR A 88 -4.07 -11.90 15.57
C THR A 88 -4.89 -11.09 16.60
N ASP A 89 -4.31 -9.99 17.10
CA ASP A 89 -4.99 -9.05 17.99
C ASP A 89 -4.37 -7.66 17.82
N TYR A 90 -4.72 -6.73 18.71
CA TYR A 90 -4.15 -5.37 18.76
C TYR A 90 -2.78 -5.37 19.41
N ALA A 91 -1.82 -6.00 18.72
CA ALA A 91 -0.48 -6.23 19.25
C ALA A 91 0.54 -6.07 18.11
N PRO A 92 1.86 -5.88 18.42
CA PRO A 92 2.84 -5.81 17.33
C PRO A 92 2.68 -6.97 16.29
N PRO A 93 2.44 -6.64 15.01
CA PRO A 93 2.31 -7.70 13.99
C PRO A 93 3.60 -8.49 13.78
N SER A 94 3.44 -9.75 13.36
CA SER A 94 4.56 -10.60 12.95
C SER A 94 4.78 -10.50 11.45
N ILE A 95 5.93 -10.96 10.98
CA ILE A 95 6.21 -11.07 9.55
C ILE A 95 5.30 -12.13 8.93
N TYR A 96 4.73 -11.78 7.78
CA TYR A 96 3.79 -12.65 7.11
C TYR A 96 4.40 -13.01 5.77
N SER A 97 4.59 -14.31 5.56
CA SER A 97 5.00 -14.80 4.25
C SER A 97 3.75 -15.34 3.57
N GLY A 98 3.77 -15.32 2.25
CA GLY A 98 2.55 -15.35 1.47
C GLY A 98 2.81 -14.30 0.39
N PRO A 99 2.67 -13.00 0.72
CA PRO A 99 2.73 -11.97 -0.31
C PRO A 99 4.10 -11.87 -0.93
N ARG A 100 4.13 -11.52 -2.21
CA ARG A 100 5.39 -11.29 -2.91
C ARG A 100 5.39 -9.81 -3.29
N LEU A 101 6.32 -9.07 -2.72
CA LEU A 101 6.34 -7.61 -2.82
C LEU A 101 7.51 -7.12 -3.66
N THR A 102 7.21 -6.16 -4.55
CA THR A 102 8.24 -5.61 -5.41
C THR A 102 8.06 -4.12 -5.30
N ILE A 103 9.09 -3.42 -4.84
CA ILE A 103 9.05 -1.96 -4.87
C ILE A 103 9.31 -1.49 -6.28
N LEU A 104 8.50 -0.54 -6.73
CA LEU A 104 8.50 -0.02 -8.11
C LEU A 104 9.13 1.36 -8.11
N GLY A 105 9.23 1.98 -9.30
CA GLY A 105 9.85 3.31 -9.43
C GLY A 105 9.02 4.44 -8.83
N SER A 106 9.53 5.66 -8.92
CA SER A 106 8.97 6.86 -8.24
C SER A 106 8.81 6.70 -6.70
N SER A 107 9.54 5.75 -6.12
CA SER A 107 9.60 5.55 -4.68
C SER A 107 10.81 6.27 -4.08
N GLY A 108 10.75 6.54 -2.78
CA GLY A 108 11.84 7.18 -2.03
C GLY A 108 11.36 8.50 -1.49
N THR A 109 12.24 9.49 -1.43
CA THR A 109 11.87 10.81 -0.91
C THR A 109 12.44 11.94 -1.74
N ASN A 110 11.67 13.02 -1.86
CA ASN A 110 12.18 14.26 -2.49
C ASN A 110 12.45 15.32 -1.42
N GLY A 111 12.35 14.90 -0.15
CA GLY A 111 12.50 15.80 0.99
C GLY A 111 11.22 16.51 1.39
N ASN A 112 10.20 16.48 0.53
CA ASN A 112 8.89 17.03 0.83
C ASN A 112 7.89 15.88 1.10
N ILE A 113 7.89 14.88 0.21
CA ILE A 113 7.08 13.69 0.37
C ILE A 113 7.96 12.45 0.46
N GLN A 114 7.42 11.40 1.06
CA GLN A 114 7.93 10.03 0.80
C GLN A 114 6.87 9.22 0.00
N ARG A 115 7.36 8.32 -0.84
CA ARG A 115 6.47 7.46 -1.62
C ARG A 115 6.96 6.03 -1.59
N ILE A 116 6.04 5.08 -1.39
CA ILE A 116 6.41 3.67 -1.58
C ILE A 116 5.40 3.08 -2.55
N VAL A 117 5.87 2.77 -3.76
CA VAL A 117 5.00 2.24 -4.78
C VAL A 117 5.36 0.77 -4.90
N TYR A 118 4.36 -0.11 -4.90
CA TYR A 118 4.68 -1.52 -4.78
C TYR A 118 3.73 -2.39 -5.60
N ARG A 119 4.26 -3.53 -6.03
CA ARG A 119 3.45 -4.61 -6.56
C ARG A 119 3.26 -5.65 -5.46
N CYS A 120 2.04 -6.15 -5.32
CA CYS A 120 1.72 -7.13 -4.28
C CYS A 120 1.11 -8.32 -4.96
N GLN A 121 1.86 -9.40 -5.05
CA GLN A 121 1.34 -10.61 -5.67
C GLN A 121 1.05 -11.63 -4.62
N ASN A 122 0.04 -12.46 -4.88
CA ASN A 122 -0.47 -13.40 -3.88
C ASN A 122 -0.97 -12.62 -2.64
N CYS A 123 -1.78 -11.60 -2.90
CA CYS A 123 -2.25 -10.69 -1.88
C CYS A 123 -3.76 -10.54 -1.89
N THR A 124 -4.47 -11.40 -2.63
CA THR A 124 -5.91 -11.19 -2.75
C THR A 124 -6.73 -12.33 -2.10
N ARG A 125 -6.04 -13.39 -1.66
CA ARG A 125 -6.67 -14.50 -0.90
C ARG A 125 -5.87 -14.81 0.34
N TRP A 126 -6.55 -15.02 1.45
CA TRP A 126 -5.88 -15.46 2.69
C TRP A 126 -6.84 -16.16 3.66
N THR A 127 -6.32 -16.80 4.69
CA THR A 127 -7.23 -17.51 5.59
C THR A 127 -7.52 -16.63 6.81
N GLY A 128 -8.79 -16.40 7.07
CA GLY A 128 -9.18 -15.60 8.19
C GLY A 128 -9.49 -14.19 7.76
N GLY A 129 -9.95 -13.39 8.71
CA GLY A 129 -10.35 -12.01 8.48
C GLY A 129 -11.40 -11.93 7.38
N ALA A 130 -11.18 -11.00 6.45
CA ALA A 130 -12.06 -10.84 5.30
C ALA A 130 -11.98 -12.02 4.31
N GLY A 131 -10.91 -12.80 4.39
CA GLY A 131 -10.73 -13.96 3.53
C GLY A 131 -10.10 -13.63 2.18
N GLY A 132 -10.11 -12.35 1.81
CA GLY A 132 -9.52 -11.91 0.55
C GLY A 132 -10.06 -10.57 0.08
N ILE A 133 -9.59 -10.12 -1.09
CA ILE A 133 -10.14 -8.93 -1.72
C ILE A 133 -11.12 -9.46 -2.77
N PRO A 134 -12.41 -9.06 -2.70
CA PRO A 134 -13.39 -9.60 -3.66
C PRO A 134 -13.09 -9.20 -5.12
N THR A 135 -13.61 -9.97 -6.07
CA THR A 135 -13.46 -9.65 -7.51
C THR A 135 -14.30 -8.43 -7.83
N THR A 136 -15.51 -8.40 -7.26
CA THR A 136 -16.44 -7.30 -7.47
C THR A 136 -17.10 -6.92 -6.14
N GLY A 137 -17.67 -5.73 -6.12
CA GLY A 137 -18.45 -5.32 -4.95
C GLY A 137 -17.59 -4.48 -4.02
N SER A 138 -17.93 -4.51 -2.73
CA SER A 138 -17.29 -3.63 -1.78
C SER A 138 -16.13 -4.33 -1.08
N ALA A 139 -15.04 -3.60 -0.95
CA ALA A 139 -13.97 -3.95 -0.08
C ALA A 139 -13.87 -2.92 1.07
N VAL A 140 -13.42 -3.37 2.24
CA VAL A 140 -13.06 -2.46 3.33
C VAL A 140 -11.57 -2.60 3.56
N PHE A 141 -10.84 -1.48 3.40
CA PHE A 141 -9.39 -1.46 3.66
C PHE A 141 -9.13 -0.67 4.92
N GLY A 142 -8.05 -1.05 5.58
CA GLY A 142 -7.54 -0.28 6.71
C GLY A 142 -6.41 0.60 6.24
N TRP A 143 -6.19 1.69 6.97
CA TRP A 143 -5.00 2.54 6.76
C TRP A 143 -4.37 2.77 8.13
N ALA A 144 -3.05 2.92 8.17
CA ALA A 144 -2.34 3.15 9.43
C ALA A 144 -1.11 4.01 9.15
N PHE A 145 -0.72 4.80 10.14
CA PHE A 145 0.26 5.83 9.90
C PHE A 145 0.96 6.16 11.18
N HIS A 146 2.29 6.21 11.14
CA HIS A 146 3.05 6.82 12.25
C HIS A 146 3.59 8.16 11.77
N SER A 147 3.12 9.22 12.39
CA SER A 147 3.43 10.59 11.94
C SER A 147 4.89 11.02 12.10
N THR A 148 5.67 10.32 12.92
CA THR A 148 7.04 10.82 13.22
C THR A 148 8.16 9.79 13.18
N THR A 149 7.87 8.56 13.60
CA THR A 149 8.96 7.70 14.02
C THR A 149 9.08 6.47 13.13
N LYS A 150 10.25 6.33 12.50
CA LYS A 150 10.60 5.17 11.64
C LYS A 150 10.57 3.84 12.39
N PRO A 151 10.49 2.71 11.64
CA PRO A 151 10.72 1.44 12.31
C PRO A 151 12.10 1.47 13.00
N LEU A 152 12.24 0.68 14.06
CA LEU A 152 13.36 0.81 15.01
C LEU A 152 14.69 0.59 14.34
N THR A 153 14.73 -0.34 13.40
CA THR A 153 15.93 -0.60 12.60
C THR A 153 15.55 -0.46 11.12
N PRO A 154 15.53 0.79 10.62
CA PRO A 154 14.88 1.08 9.33
C PRO A 154 15.58 0.46 8.11
N SER A 155 16.82 -0.03 8.27
CA SER A 155 17.50 -0.77 7.20
C SER A 155 16.91 -2.17 6.94
N ASP A 156 16.20 -2.73 7.92
CA ASP A 156 15.69 -4.11 7.85
C ASP A 156 14.18 -4.08 7.55
N PRO A 157 13.74 -4.75 6.46
CA PRO A 157 12.31 -4.81 6.15
C PRO A 157 11.54 -5.55 7.23
N SER A 158 12.22 -6.33 8.05
CA SER A 158 11.51 -7.00 9.19
C SER A 158 11.58 -6.25 10.52
N SER A 159 12.04 -5.01 10.46
CA SER A 159 12.14 -4.14 11.65
C SER A 159 10.89 -4.13 12.50
N GLY A 160 11.08 -4.20 13.81
CA GLY A 160 10.03 -3.79 14.76
C GLY A 160 9.61 -2.34 14.53
N LEU A 161 8.39 -2.05 14.94
CA LEU A 161 7.86 -0.69 14.77
C LEU A 161 6.96 -0.28 15.94
N TYR A 162 6.84 1.01 16.16
CA TYR A 162 5.89 1.54 17.14
C TYR A 162 4.51 1.57 16.54
N ARG A 163 3.51 1.34 17.39
CA ARG A 163 2.11 1.55 17.08
C ARG A 163 1.86 2.86 16.34
N HIS A 164 1.04 2.80 15.30
CA HIS A 164 0.59 3.97 14.52
C HIS A 164 0.06 5.06 15.43
N SER A 165 0.29 6.30 15.05
CA SER A 165 -0.37 7.42 15.70
C SER A 165 -1.82 7.54 15.22
N HIS A 166 -2.10 7.04 14.00
CA HIS A 166 -3.42 7.19 13.37
C HIS A 166 -3.74 5.92 12.65
N ALA A 167 -4.99 5.47 12.77
CA ALA A 167 -5.47 4.34 11.97
C ALA A 167 -7.00 4.32 11.91
N ALA A 168 -7.55 3.92 10.77
CA ALA A 168 -8.99 3.64 10.66
C ALA A 168 -9.25 2.79 9.41
N GLN A 169 -10.47 2.83 8.88
CA GLN A 169 -10.90 1.93 7.80
C GLN A 169 -11.80 2.70 6.90
N TYR A 170 -11.93 2.22 5.66
CA TYR A 170 -12.92 2.81 4.74
C TYR A 170 -13.35 1.73 3.77
N GLY A 171 -14.59 1.87 3.27
CA GLY A 171 -15.11 1.04 2.21
C GLY A 171 -14.78 1.60 0.84
N PHE A 172 -14.63 0.72 -0.14
CA PHE A 172 -14.58 1.19 -1.52
C PHE A 172 -15.02 0.14 -2.53
N ASP A 173 -15.34 0.65 -3.71
CA ASP A 173 -15.77 -0.15 -4.84
C ASP A 173 -14.52 -0.69 -5.54
N ILE A 174 -14.31 -2.00 -5.42
CA ILE A 174 -13.11 -2.67 -5.97
C ILE A 174 -13.09 -2.64 -7.50
N GLY A 175 -14.25 -2.92 -8.11
CA GLY A 175 -14.40 -2.87 -9.56
C GLY A 175 -14.02 -1.52 -10.16
N ASN A 176 -14.27 -0.46 -9.43
CA ASN A 176 -13.80 0.86 -9.81
C ASN A 176 -12.28 1.05 -9.77
N ALA A 177 -11.58 0.21 -9.00
CA ALA A 177 -10.12 0.25 -8.91
C ALA A 177 -9.47 -0.70 -9.95
N ARG A 178 -10.29 -1.52 -10.61
CA ARG A 178 -9.83 -2.46 -11.65
C ARG A 178 -9.68 -1.78 -13.01
N THR A 179 -8.65 -2.14 -13.77
CA THR A 179 -8.40 -1.53 -15.09
C THR A 179 -7.68 -2.46 -16.07
N THR A 180 -8.13 -2.45 -17.32
CA THR A 180 -7.43 -3.17 -18.38
C THR A 180 -6.06 -2.52 -18.65
N LEU A 181 -5.88 -1.28 -18.17
CA LEU A 181 -4.57 -0.59 -18.24
C LEU A 181 -3.50 -1.10 -17.22
N TYR A 182 -3.86 -2.09 -16.43
CA TYR A 182 -2.99 -2.58 -15.35
C TYR A 182 -1.53 -2.91 -15.78
N ASP A 183 -1.37 -3.73 -16.82
CA ASP A 183 -0.05 -4.14 -17.31
C ASP A 183 0.78 -2.94 -17.76
N TYR A 184 0.17 -2.02 -18.52
CA TYR A 184 0.81 -0.77 -18.94
C TYR A 184 1.24 0.05 -17.74
N TYR A 185 0.31 0.22 -16.78
CA TYR A 185 0.58 0.93 -15.54
C TYR A 185 1.73 0.28 -14.76
N LEU A 186 1.72 -1.06 -14.69
CA LEU A 186 2.76 -1.81 -13.98
C LEU A 186 4.13 -1.54 -14.57
N GLN A 187 4.23 -1.65 -15.89
CA GLN A 187 5.48 -1.34 -16.62
C GLN A 187 5.92 0.09 -16.39
N GLN A 188 5.00 1.04 -16.58
CA GLN A 188 5.34 2.48 -16.44
C GLN A 188 5.90 2.79 -15.05
N LEU A 189 5.27 2.21 -14.01
CA LEU A 189 5.69 2.50 -12.65
C LEU A 189 7.04 1.81 -12.34
N THR A 190 7.24 0.60 -12.87
CA THR A 190 8.48 -0.12 -12.63
C THR A 190 9.65 0.68 -13.22
N ASN A 191 9.41 1.29 -14.38
CA ASN A 191 10.43 2.01 -15.13
C ASN A 191 10.62 3.49 -14.72
N ALA A 192 9.79 3.99 -13.82
CA ALA A 192 9.94 5.36 -13.36
C ALA A 192 11.19 5.40 -12.49
N PRO A 193 12.05 6.44 -12.63
CA PRO A 193 13.21 6.49 -11.73
C PRO A 193 12.82 6.78 -10.25
N PRO A 194 13.76 6.54 -9.31
CA PRO A 194 13.46 6.85 -7.92
C PRO A 194 13.15 8.34 -7.69
N LEU A 195 12.42 8.60 -6.61
CA LEU A 195 12.15 9.99 -6.20
C LEU A 195 13.41 10.78 -5.89
N SER A 196 13.42 12.04 -6.32
CA SER A 196 14.53 12.95 -6.07
C SER A 196 14.05 14.41 -6.03
N GLY A 197 12.91 14.68 -6.66
CA GLY A 197 12.45 16.06 -6.86
C GLY A 197 13.22 16.67 -8.01
C1 NAG B . 0.55 -17.35 -1.10
C2 NAG B . 1.62 -18.44 -1.00
C3 NAG B . 1.16 -19.59 -0.10
C4 NAG B . 0.59 -19.12 1.25
C5 NAG B . -0.48 -18.03 1.05
C6 NAG B . -0.79 -17.35 2.38
C7 NAG B . 2.89 -18.69 -3.12
C8 NAG B . 2.78 -19.35 -4.47
N2 NAG B . 1.84 -18.93 -2.34
O3 NAG B . 2.28 -20.43 0.16
O4 NAG B . 0.06 -20.25 1.97
O5 NAG B . -0.05 -17.00 0.14
O6 NAG B . -1.96 -16.52 2.33
O7 NAG B . 3.85 -18.01 -2.78
CHA HEM C . -6.14 -0.34 14.92
CHB HEM C . -2.59 -1.64 18.00
CHC HEM C . 0.56 -1.86 14.32
CHD HEM C . -3.20 -1.43 11.19
C1A HEM C . -5.43 -0.63 16.07
C2A HEM C . -5.96 -0.50 17.38
C3A HEM C . -4.94 -0.86 18.24
C4A HEM C . -3.80 -1.20 17.47
CMA HEM C . -5.01 -0.88 19.76
CAA HEM C . -7.36 -0.05 17.77
CBA HEM C . -7.68 1.41 17.40
CGA HEM C . -6.66 2.41 17.89
O1A HEM C . -5.92 3.05 17.11
O2A HEM C . -6.57 2.63 19.12
C1B HEM C . -1.42 -1.79 17.26
C2B HEM C . -0.15 -2.05 17.88
C3B HEM C . 0.77 -2.08 16.84
C4B HEM C . 0.00 -1.84 15.60
CMB HEM C . 0.11 -2.23 19.39
CAB HEM C . 2.24 -2.31 16.84
CBB HEM C . 3.05 -1.90 17.80
C1C HEM C . -0.20 -1.85 13.12
C2C HEM C . 0.32 -1.98 11.82
C3C HEM C . -0.74 -1.86 10.91
C4C HEM C . -1.94 -1.63 11.68
CMC HEM C . 1.79 -2.25 11.54
CAC HEM C . -0.65 -1.99 9.43
CBC HEM C . 0.42 -1.52 8.74
C1D HEM C . -4.28 -1.02 12.00
C2D HEM C . -5.60 -0.68 11.43
C3D HEM C . -6.42 -0.40 12.45
C4D HEM C . -5.59 -0.58 13.66
CMD HEM C . -6.00 -0.63 9.98
CAD HEM C . -7.87 0.06 12.37
CBD HEM C . -8.89 -1.05 12.18
CGD HEM C . -9.04 -1.79 13.47
O1D HEM C . -8.76 -3.02 13.58
O2D HEM C . -9.41 -1.17 14.47
NA HEM C . -4.10 -1.04 16.14
NB HEM C . -1.29 -1.68 15.94
NC HEM C . -1.56 -1.60 13.02
ND HEM C . -4.33 -0.98 13.36
FE HEM C . -2.87 -1.33 14.60
C1 MPD D . 6.77 -7.93 16.44
C2 MPD D . 8.28 -7.85 16.40
O2 MPD D . 8.68 -6.49 16.13
CM MPD D . 8.83 -8.20 17.78
C3 MPD D . 8.79 -8.82 15.33
C4 MPD D . 9.31 -8.18 14.03
O4 MPD D . 10.25 -9.08 13.42
C5 MPD D . 8.17 -7.92 13.05
C1 MPD E . 8.10 -12.22 3.98
C2 MPD E . 7.52 -10.85 3.64
O2 MPD E . 6.55 -10.46 4.64
CM MPD E . 6.78 -10.95 2.33
C3 MPD E . 8.60 -9.75 3.55
C4 MPD E . 9.29 -9.47 4.89
O4 MPD E . 10.50 -8.75 4.72
C5 MPD E . 8.41 -8.62 5.78
C ACT F . -11.68 -6.53 1.85
O ACT F . -12.70 -6.43 2.66
OXT ACT F . -10.90 -7.48 1.59
CH3 ACT F . -11.24 -5.39 1.05
#